data_5MKQ
#
_entry.id   5MKQ
#
_cell.length_a   69.450
_cell.length_b   72.190
_cell.length_c   127.950
_cell.angle_alpha   90.00
_cell.angle_beta   90.00
_cell.angle_gamma   90.00
#
_symmetry.space_group_name_H-M   'P 21 21 21'
#
loop_
_entity.id
_entity.type
_entity.pdbx_description
1 polymer 'TtuA PH0300'
2 non-polymer 'ZINC ION'
3 non-polymer 'IRON/SULFUR CLUSTER'
4 water water
#
_entity_poly.entity_id   1
_entity_poly.type   'polypeptide(L)'
_entity_poly.pdbx_seq_one_letter_code
;GSSMKCKFCSREAYIKIHYPKMYLCEEHFKEYFERKVSRTIERYKLLTKDERILVAVSGGKDSAVTAYVLKKLGYNIECL
HINLGISGYSEKSEEYAKKQCKLIGAPLHIVRIKEILGYGIGEVKTRRPPCSYCGLTKRYIMNKFAYDNGFDAIATGHNL
DDEASFLLNNILHWNTEYLAKGGPILPQQGKFIKKVKPLYEVTEREVVAYALAVGLEYIVEECPYARGATTLDMKGVLNE
LEEKRPGTKFNFVRGYLKKKKLFEPEIKEKEIKECKICRMPSSGDICAFCKFWGLKKEINFKVSSTDEEPFGP
;
_entity_poly.pdbx_strand_id   A,B
#
loop_
_chem_comp.id
_chem_comp.type
_chem_comp.name
_chem_comp.formula
SF4 non-polymer 'IRON/SULFUR CLUSTER' 'Fe4 S4'
ZN non-polymer 'ZINC ION' 'Zn 2'
#
# COMPACT_ATOMS: atom_id res chain seq x y z
N MET A 4 -22.42 24.14 -14.19
CA MET A 4 -21.63 24.03 -15.42
C MET A 4 -22.46 23.53 -16.59
N LYS A 5 -21.84 23.45 -17.79
CA LYS A 5 -22.46 22.96 -19.03
C LYS A 5 -21.58 21.88 -19.67
N CYS A 6 -22.17 21.01 -20.52
CA CYS A 6 -21.44 19.93 -21.20
C CYS A 6 -20.39 20.45 -22.19
N LYS A 7 -19.25 19.74 -22.25
CA LYS A 7 -18.12 20.07 -23.11
C LYS A 7 -18.42 19.89 -24.61
N PHE A 8 -19.48 19.11 -24.97
CA PHE A 8 -19.83 18.82 -26.35
C PHE A 8 -21.21 19.32 -26.79
N CYS A 9 -22.08 19.73 -25.84
CA CYS A 9 -23.41 20.26 -26.15
C CYS A 9 -23.88 21.36 -25.18
N SER A 10 -25.02 22.00 -25.51
CA SER A 10 -25.67 23.07 -24.74
C SER A 10 -26.41 22.55 -23.48
N ARG A 11 -26.44 21.22 -23.28
CA ARG A 11 -27.08 20.58 -22.13
C ARG A 11 -26.26 20.81 -20.86
N GLU A 12 -26.94 20.88 -19.70
CA GLU A 12 -26.30 21.11 -18.41
C GLU A 12 -25.47 19.90 -17.96
N ALA A 13 -24.33 20.18 -17.30
CA ALA A 13 -23.40 19.16 -16.79
C ALA A 13 -24.07 18.24 -15.78
N TYR A 14 -23.75 16.95 -15.87
CA TYR A 14 -24.26 15.89 -15.02
C TYR A 14 -23.18 15.42 -14.06
N ILE A 15 -21.95 15.26 -14.57
CA ILE A 15 -20.79 14.79 -13.82
C ILE A 15 -19.47 15.45 -14.30
N LYS A 16 -18.50 15.58 -13.39
CA LYS A 16 -17.17 16.09 -13.69
C LYS A 16 -16.20 14.92 -13.53
N ILE A 17 -15.42 14.62 -14.59
CA ILE A 17 -14.42 13.55 -14.53
C ILE A 17 -13.19 14.19 -13.90
N HIS A 18 -12.82 13.73 -12.68
CA HIS A 18 -11.69 14.27 -11.91
C HIS A 18 -10.36 14.16 -12.62
N TYR A 19 -10.23 13.15 -13.52
CA TYR A 19 -9.07 12.88 -14.36
C TYR A 19 -9.47 11.98 -15.56
N PRO A 20 -9.51 12.50 -16.82
CA PRO A 20 -9.17 13.86 -17.25
C PRO A 20 -10.31 14.85 -17.00
N LYS A 21 -9.97 16.12 -16.66
CA LYS A 21 -10.96 17.15 -16.37
C LYS A 21 -11.83 17.52 -17.57
N MET A 22 -13.16 17.31 -17.41
CA MET A 22 -14.23 17.57 -18.39
C MET A 22 -15.62 17.44 -17.76
N TYR A 23 -16.55 18.31 -18.17
CA TYR A 23 -17.93 18.31 -17.70
C TYR A 23 -18.83 17.72 -18.78
N LEU A 24 -19.52 16.62 -18.45
CA LEU A 24 -20.39 15.88 -19.38
C LEU A 24 -21.82 15.80 -18.88
N CYS A 25 -22.79 15.80 -19.82
CA CYS A 25 -24.21 15.65 -19.54
C CYS A 25 -24.52 14.15 -19.48
N GLU A 26 -25.77 13.78 -19.12
CA GLU A 26 -26.22 12.38 -19.02
C GLU A 26 -25.90 11.55 -20.28
N GLU A 27 -26.31 12.07 -21.46
CA GLU A 27 -26.14 11.41 -22.77
C GLU A 27 -24.69 11.28 -23.22
N HIS A 28 -23.85 12.28 -22.90
CA HIS A 28 -22.44 12.26 -23.27
C HIS A 28 -21.60 11.43 -22.31
N PHE A 29 -22.02 11.34 -21.04
CA PHE A 29 -21.32 10.54 -20.04
C PHE A 29 -21.49 9.05 -20.35
N LYS A 30 -22.73 8.63 -20.70
CA LYS A 30 -23.07 7.25 -21.08
C LYS A 30 -22.14 6.79 -22.20
N GLU A 31 -22.08 7.58 -23.30
CA GLU A 31 -21.24 7.37 -24.48
C GLU A 31 -19.75 7.24 -24.11
N TYR A 32 -19.27 8.12 -23.20
CA TYR A 32 -17.89 8.13 -22.71
C TYR A 32 -17.58 6.84 -21.91
N PHE A 33 -18.46 6.52 -20.93
CA PHE A 33 -18.36 5.35 -20.07
C PHE A 33 -18.36 4.07 -20.89
N GLU A 34 -19.26 3.97 -21.89
CA GLU A 34 -19.37 2.82 -22.80
C GLU A 34 -18.09 2.64 -23.62
N ARG A 35 -17.53 3.76 -24.15
CA ARG A 35 -16.31 3.78 -24.93
C ARG A 35 -15.10 3.39 -24.07
N LYS A 36 -15.09 3.80 -22.79
CA LYS A 36 -14.04 3.49 -21.83
C LYS A 36 -13.99 1.98 -21.54
N VAL A 37 -15.17 1.32 -21.48
CA VAL A 37 -15.33 -0.13 -21.24
C VAL A 37 -14.85 -0.91 -22.46
N SER A 38 -15.29 -0.48 -23.67
CA SER A 38 -14.92 -1.08 -24.96
C SER A 38 -13.41 -1.05 -25.14
N ARG A 39 -12.77 0.05 -24.68
CA ARG A 39 -11.33 0.24 -24.74
C ARG A 39 -10.63 -0.72 -23.79
N THR A 40 -11.22 -0.98 -22.60
CA THR A 40 -10.68 -1.92 -21.60
C THR A 40 -10.71 -3.35 -22.18
N ILE A 41 -11.80 -3.69 -22.90
CA ILE A 41 -12.00 -4.99 -23.57
C ILE A 41 -10.88 -5.15 -24.60
N GLU A 42 -10.76 -4.17 -25.51
CA GLU A 42 -9.76 -4.10 -26.59
C GLU A 42 -8.30 -4.16 -26.09
N ARG A 43 -7.97 -3.35 -25.06
CA ARG A 43 -6.63 -3.22 -24.47
C ARG A 43 -6.11 -4.55 -23.91
N TYR A 44 -6.87 -5.19 -23.00
CA TYR A 44 -6.46 -6.44 -22.35
C TYR A 44 -6.94 -7.70 -23.09
N LYS A 45 -7.55 -7.52 -24.29
CA LYS A 45 -8.09 -8.60 -25.13
C LYS A 45 -9.01 -9.53 -24.31
N LEU A 46 -9.94 -8.92 -23.55
CA LEU A 46 -10.87 -9.61 -22.66
C LEU A 46 -11.87 -10.51 -23.39
N LEU A 47 -12.62 -9.95 -24.37
CA LEU A 47 -13.68 -10.68 -25.10
C LEU A 47 -13.74 -10.42 -26.61
N THR A 48 -14.40 -11.34 -27.33
CA THR A 48 -14.71 -11.29 -28.77
C THR A 48 -16.25 -11.29 -28.88
N LYS A 49 -16.78 -10.88 -30.04
CA LYS A 49 -18.24 -10.85 -30.22
C LYS A 49 -18.86 -12.24 -30.37
N ASP A 50 -18.07 -13.21 -30.86
CA ASP A 50 -18.46 -14.62 -31.05
C ASP A 50 -18.14 -15.45 -29.79
N GLU A 51 -18.60 -14.96 -28.62
CA GLU A 51 -18.39 -15.59 -27.33
C GLU A 51 -19.65 -15.59 -26.46
N ARG A 52 -19.95 -16.74 -25.84
CA ARG A 52 -21.08 -16.87 -24.92
C ARG A 52 -20.56 -16.40 -23.56
N ILE A 53 -21.09 -15.28 -23.06
CA ILE A 53 -20.66 -14.66 -21.81
C ILE A 53 -21.69 -14.85 -20.69
N LEU A 54 -21.20 -15.16 -19.47
CA LEU A 54 -22.04 -15.30 -18.29
C LEU A 54 -21.68 -14.18 -17.33
N VAL A 55 -22.60 -13.21 -17.15
CA VAL A 55 -22.37 -12.08 -16.25
C VAL A 55 -22.92 -12.47 -14.89
N ALA A 56 -22.03 -12.56 -13.88
CA ALA A 56 -22.39 -12.93 -12.50
C ALA A 56 -23.06 -11.73 -11.80
N VAL A 57 -24.41 -11.62 -11.92
CA VAL A 57 -25.17 -10.52 -11.32
C VAL A 57 -25.55 -10.84 -9.87
N SER A 58 -25.33 -9.87 -8.97
CA SER A 58 -25.57 -9.97 -7.53
C SER A 58 -26.72 -9.07 -7.04
N GLY A 59 -27.12 -8.12 -7.87
CA GLY A 59 -28.15 -7.16 -7.50
C GLY A 59 -27.55 -5.80 -7.16
N GLY A 60 -26.22 -5.76 -6.99
CA GLY A 60 -25.47 -4.53 -6.75
C GLY A 60 -25.21 -3.79 -8.04
N LYS A 61 -24.78 -2.53 -7.96
CA LYS A 61 -24.51 -1.62 -9.09
C LYS A 61 -23.49 -2.15 -10.11
N ASP A 62 -22.41 -2.77 -9.61
CA ASP A 62 -21.25 -3.27 -10.34
C ASP A 62 -21.59 -4.29 -11.43
N SER A 63 -22.18 -5.43 -11.04
CA SER A 63 -22.59 -6.50 -11.95
C SER A 63 -23.73 -6.07 -12.90
N ALA A 64 -24.66 -5.21 -12.40
CA ALA A 64 -25.80 -4.64 -13.13
C ALA A 64 -25.31 -3.85 -14.33
N VAL A 65 -24.36 -2.92 -14.11
CA VAL A 65 -23.76 -2.08 -15.12
C VAL A 65 -22.93 -2.92 -16.09
N THR A 66 -22.13 -3.90 -15.58
CA THR A 66 -21.34 -4.81 -16.43
C THR A 66 -22.23 -5.43 -17.50
N ALA A 67 -23.37 -6.03 -17.08
CA ALA A 67 -24.33 -6.66 -17.98
C ALA A 67 -24.95 -5.66 -18.95
N TYR A 68 -25.36 -4.48 -18.45
CA TYR A 68 -25.98 -3.41 -19.24
C TYR A 68 -25.05 -2.90 -20.35
N VAL A 69 -23.79 -2.61 -20.01
CA VAL A 69 -22.80 -2.09 -20.95
C VAL A 69 -22.44 -3.16 -22.00
N LEU A 70 -22.16 -4.40 -21.58
CA LEU A 70 -21.83 -5.51 -22.48
C LEU A 70 -22.96 -5.78 -23.50
N LYS A 71 -24.22 -5.71 -23.05
CA LYS A 71 -25.38 -5.92 -23.92
C LYS A 71 -25.51 -4.77 -24.92
N LYS A 72 -25.31 -3.50 -24.47
CA LYS A 72 -25.35 -2.27 -25.29
C LYS A 72 -24.22 -2.29 -26.33
N LEU A 73 -23.07 -2.90 -25.98
CA LEU A 73 -21.92 -3.05 -26.85
C LEU A 73 -22.08 -4.27 -27.79
N GLY A 74 -23.27 -4.88 -27.77
CA GLY A 74 -23.64 -6.01 -28.60
C GLY A 74 -22.91 -7.30 -28.31
N TYR A 75 -22.94 -7.75 -27.05
CA TYR A 75 -22.32 -9.02 -26.65
C TYR A 75 -23.37 -10.07 -26.32
N ASN A 76 -23.03 -11.35 -26.57
CA ASN A 76 -23.89 -12.50 -26.31
C ASN A 76 -23.83 -12.85 -24.83
N ILE A 77 -24.59 -12.10 -24.02
CA ILE A 77 -24.61 -12.27 -22.58
C ILE A 77 -25.87 -12.98 -22.08
N GLU A 78 -25.69 -13.66 -20.94
CA GLU A 78 -26.70 -14.34 -20.13
C GLU A 78 -26.24 -14.08 -18.72
N CYS A 79 -27.18 -13.97 -17.79
CA CYS A 79 -26.84 -13.62 -16.41
C CYS A 79 -27.15 -14.71 -15.41
N LEU A 80 -26.33 -14.79 -14.36
CA LEU A 80 -26.51 -15.74 -13.28
C LEU A 80 -26.59 -15.03 -11.93
N HIS A 81 -27.62 -15.37 -11.14
CA HIS A 81 -27.80 -14.86 -9.80
C HIS A 81 -27.68 -16.02 -8.82
N ILE A 82 -26.76 -15.89 -7.87
CA ILE A 82 -26.56 -16.90 -6.83
C ILE A 82 -27.19 -16.32 -5.55
N ASN A 83 -28.34 -16.88 -5.17
CA ASN A 83 -29.14 -16.52 -4.01
C ASN A 83 -28.54 -17.24 -2.79
N LEU A 84 -27.78 -16.48 -2.00
CA LEU A 84 -27.05 -16.91 -0.80
C LEU A 84 -27.92 -17.40 0.38
N GLY A 85 -29.22 -17.07 0.36
CA GLY A 85 -30.16 -17.49 1.39
C GLY A 85 -30.04 -16.77 2.73
N ILE A 86 -29.67 -15.47 2.69
CA ILE A 86 -29.56 -14.63 3.89
C ILE A 86 -30.94 -13.95 4.04
N SER A 87 -31.79 -14.50 4.94
CA SER A 87 -33.15 -14.01 5.22
C SER A 87 -33.19 -12.51 5.52
N GLY A 88 -34.00 -11.78 4.76
CA GLY A 88 -34.13 -10.33 4.88
C GLY A 88 -33.19 -9.55 3.97
N TYR A 89 -32.22 -10.25 3.35
CA TYR A 89 -31.22 -9.67 2.46
CA TYR A 89 -31.24 -9.65 2.44
C TYR A 89 -31.33 -10.26 1.05
N SER A 90 -30.99 -11.57 0.90
CA SER A 90 -31.00 -12.33 -0.35
C SER A 90 -32.32 -12.30 -1.12
N GLU A 91 -33.45 -12.09 -0.43
CA GLU A 91 -34.79 -12.03 -1.03
C GLU A 91 -34.94 -10.83 -1.96
N LYS A 92 -34.64 -9.61 -1.46
CA LYS A 92 -34.73 -8.42 -2.30
C LYS A 92 -33.57 -8.34 -3.30
N SER A 93 -32.42 -8.99 -2.96
CA SER A 93 -31.24 -9.08 -3.83
C SER A 93 -31.55 -9.81 -5.12
N GLU A 94 -32.32 -10.91 -5.03
CA GLU A 94 -32.79 -11.70 -6.16
C GLU A 94 -33.77 -10.87 -6.99
N GLU A 95 -34.65 -10.09 -6.29
CA GLU A 95 -35.66 -9.23 -6.90
C GLU A 95 -35.04 -8.09 -7.71
N TYR A 96 -33.96 -7.49 -7.18
CA TYR A 96 -33.22 -6.42 -7.84
C TYR A 96 -32.58 -6.90 -9.13
N ALA A 97 -32.02 -8.14 -9.12
CA ALA A 97 -31.39 -8.77 -10.29
C ALA A 97 -32.44 -9.06 -11.39
N LYS A 98 -33.61 -9.64 -11.01
CA LYS A 98 -34.74 -9.94 -11.91
C LYS A 98 -35.13 -8.65 -12.64
N LYS A 99 -35.25 -7.55 -11.86
CA LYS A 99 -35.57 -6.19 -12.30
C LYS A 99 -34.49 -5.71 -13.30
N GLN A 100 -33.21 -5.77 -12.89
CA GLN A 100 -32.04 -5.36 -13.69
C GLN A 100 -31.96 -6.08 -15.04
N CYS A 101 -32.10 -7.42 -15.04
CA CYS A 101 -32.06 -8.24 -16.26
C CYS A 101 -33.24 -8.01 -17.19
N LYS A 102 -34.41 -7.68 -16.62
CA LYS A 102 -35.64 -7.39 -17.39
C LYS A 102 -35.43 -6.08 -18.16
N LEU A 103 -34.81 -5.07 -17.50
CA LEU A 103 -34.47 -3.78 -18.10
C LEU A 103 -33.40 -3.97 -19.18
N ILE A 104 -32.32 -4.70 -18.84
CA ILE A 104 -31.20 -5.02 -19.74
C ILE A 104 -31.68 -5.82 -20.98
N GLY A 105 -32.61 -6.73 -20.76
CA GLY A 105 -33.12 -7.61 -21.80
C GLY A 105 -32.15 -8.76 -21.99
N ALA A 106 -31.87 -9.48 -20.90
CA ALA A 106 -30.94 -10.60 -20.89
C ALA A 106 -31.52 -11.78 -20.11
N PRO A 107 -31.22 -13.04 -20.51
CA PRO A 107 -31.75 -14.20 -19.77
C PRO A 107 -31.11 -14.33 -18.39
N LEU A 108 -31.93 -14.52 -17.35
CA LEU A 108 -31.43 -14.64 -15.98
C LEU A 108 -31.66 -16.03 -15.43
N HIS A 109 -30.58 -16.63 -14.93
CA HIS A 109 -30.58 -17.94 -14.31
C HIS A 109 -30.37 -17.74 -12.82
N ILE A 110 -31.22 -18.36 -12.00
CA ILE A 110 -31.12 -18.25 -10.55
C ILE A 110 -30.76 -19.59 -9.93
N VAL A 111 -29.78 -19.56 -9.00
CA VAL A 111 -29.31 -20.69 -8.20
C VAL A 111 -29.54 -20.30 -6.72
N ARG A 112 -30.37 -21.08 -6.01
CA ARG A 112 -30.68 -20.83 -4.60
C ARG A 112 -29.95 -21.83 -3.71
N ILE A 113 -28.94 -21.33 -2.95
CA ILE A 113 -28.07 -22.07 -2.03
C ILE A 113 -28.88 -22.98 -1.07
N LYS A 114 -29.88 -22.40 -0.37
CA LYS A 114 -30.77 -23.07 0.59
C LYS A 114 -31.48 -24.28 -0.04
N GLU A 115 -31.80 -24.17 -1.35
CA GLU A 115 -32.49 -25.21 -2.10
C GLU A 115 -31.57 -26.35 -2.60
N ILE A 116 -30.35 -26.02 -3.07
CA ILE A 116 -29.43 -27.04 -3.60
C ILE A 116 -28.46 -27.61 -2.54
N LEU A 117 -28.08 -26.82 -1.53
CA LEU A 117 -27.16 -27.25 -0.46
C LEU A 117 -27.88 -27.66 0.83
N GLY A 118 -28.88 -26.89 1.24
CA GLY A 118 -29.65 -27.16 2.45
C GLY A 118 -29.83 -25.95 3.34
N TYR A 119 -28.72 -25.27 3.66
CA TYR A 119 -28.71 -24.08 4.51
C TYR A 119 -28.04 -22.92 3.79
N GLY A 120 -28.53 -21.71 4.05
CA GLY A 120 -27.98 -20.48 3.48
C GLY A 120 -26.70 -20.02 4.16
N ILE A 121 -26.08 -18.96 3.64
CA ILE A 121 -24.86 -18.39 4.22
C ILE A 121 -25.22 -17.71 5.55
N GLY A 122 -24.52 -18.11 6.61
CA GLY A 122 -24.74 -17.63 7.98
C GLY A 122 -25.67 -18.53 8.77
N GLU A 123 -25.88 -19.77 8.30
CA GLU A 123 -26.72 -20.79 8.92
C GLU A 123 -25.92 -22.04 9.27
N VAL A 124 -24.69 -22.13 8.73
CA VAL A 124 -23.78 -23.26 8.94
C VAL A 124 -23.22 -23.19 10.36
N LYS A 125 -23.26 -24.33 11.09
CA LYS A 125 -22.71 -24.45 12.44
C LYS A 125 -21.18 -24.50 12.37
N THR A 126 -20.57 -23.32 12.15
CA THR A 126 -19.13 -23.14 11.99
C THR A 126 -18.64 -21.85 12.63
N ARG A 127 -17.45 -21.93 13.28
CA ARG A 127 -16.79 -20.79 13.91
C ARG A 127 -16.24 -19.86 12.82
N ARG A 128 -16.13 -20.39 11.58
CA ARG A 128 -15.68 -19.70 10.38
C ARG A 128 -16.71 -18.62 10.00
N PRO A 129 -16.25 -17.36 9.76
CA PRO A 129 -17.20 -16.29 9.41
C PRO A 129 -17.89 -16.53 8.07
N PRO A 130 -19.16 -16.09 7.90
CA PRO A 130 -19.86 -16.31 6.62
C PRO A 130 -19.13 -15.75 5.40
N CYS A 131 -18.39 -14.64 5.58
CA CYS A 131 -17.59 -13.98 4.55
C CYS A 131 -16.53 -14.87 3.90
N SER A 132 -15.91 -15.74 4.71
CA SER A 132 -14.86 -16.66 4.25
C SER A 132 -15.36 -17.76 3.30
N TYR A 133 -16.44 -18.48 3.68
CA TYR A 133 -16.98 -19.56 2.84
C TYR A 133 -17.96 -19.06 1.78
N CYS A 134 -18.54 -17.86 1.94
CA CYS A 134 -19.45 -17.28 0.95
C CYS A 134 -18.74 -17.04 -0.37
N GLY A 135 -17.55 -16.44 -0.31
CA GLY A 135 -16.69 -16.17 -1.47
C GLY A 135 -16.32 -17.44 -2.23
N LEU A 136 -15.94 -18.50 -1.49
CA LEU A 136 -15.58 -19.82 -2.01
C LEU A 136 -16.80 -20.46 -2.71
N THR A 137 -18.00 -20.33 -2.09
CA THR A 137 -19.26 -20.87 -2.61
C THR A 137 -19.71 -20.13 -3.86
N LYS A 138 -19.63 -18.79 -3.88
CA LYS A 138 -20.00 -17.98 -5.04
C LYS A 138 -19.12 -18.32 -6.23
N ARG A 139 -17.79 -18.44 -6.02
CA ARG A 139 -16.79 -18.76 -7.03
C ARG A 139 -16.98 -20.12 -7.68
N TYR A 140 -17.37 -21.14 -6.88
CA TYR A 140 -17.59 -22.49 -7.35
C TYR A 140 -18.80 -22.57 -8.26
N ILE A 141 -19.97 -22.08 -7.78
CA ILE A 141 -21.22 -22.09 -8.52
C ILE A 141 -21.07 -21.28 -9.82
N MET A 142 -20.38 -20.12 -9.77
CA MET A 142 -20.10 -19.27 -10.93
C MET A 142 -19.38 -20.07 -12.03
N ASN A 143 -18.30 -20.80 -11.65
CA ASN A 143 -17.49 -21.59 -12.57
C ASN A 143 -18.21 -22.85 -13.04
N LYS A 144 -18.84 -23.60 -12.12
CA LYS A 144 -19.55 -24.85 -12.43
C LYS A 144 -20.74 -24.60 -13.35
N PHE A 145 -21.47 -23.49 -13.15
CA PHE A 145 -22.61 -23.11 -13.98
C PHE A 145 -22.16 -22.78 -15.41
N ALA A 146 -21.07 -21.96 -15.52
CA ALA A 146 -20.49 -21.56 -16.80
C ALA A 146 -19.88 -22.77 -17.52
N TYR A 147 -19.27 -23.71 -16.78
CA TYR A 147 -18.70 -24.91 -17.35
C TYR A 147 -19.80 -25.84 -17.87
N ASP A 148 -20.76 -26.22 -17.00
CA ASP A 148 -21.89 -27.13 -17.33
C ASP A 148 -22.77 -26.64 -18.48
N ASN A 149 -22.87 -25.32 -18.67
CA ASN A 149 -23.67 -24.72 -19.74
C ASN A 149 -22.80 -24.19 -20.90
N GLY A 150 -21.53 -24.59 -20.89
CA GLY A 150 -20.55 -24.28 -21.92
C GLY A 150 -20.35 -22.84 -22.31
N PHE A 151 -20.31 -21.95 -21.31
CA PHE A 151 -20.06 -20.54 -21.55
C PHE A 151 -18.56 -20.35 -21.76
N ASP A 152 -18.21 -19.41 -22.64
CA ASP A 152 -16.82 -19.12 -22.97
C ASP A 152 -16.14 -18.29 -21.90
N ALA A 153 -16.87 -17.36 -21.25
CA ALA A 153 -16.30 -16.49 -20.21
C ALA A 153 -17.26 -16.11 -19.09
N ILE A 154 -16.68 -15.66 -17.96
CA ILE A 154 -17.40 -15.13 -16.80
C ILE A 154 -16.98 -13.67 -16.64
N ALA A 155 -17.95 -12.75 -16.62
CA ALA A 155 -17.65 -11.32 -16.47
C ALA A 155 -18.19 -10.82 -15.14
N THR A 156 -17.29 -10.30 -14.28
CA THR A 156 -17.64 -9.79 -12.95
C THR A 156 -17.77 -8.27 -12.94
N GLY A 157 -18.35 -7.74 -11.87
CA GLY A 157 -18.58 -6.31 -11.70
C GLY A 157 -17.42 -5.50 -11.14
N HIS A 158 -16.32 -6.17 -10.72
CA HIS A 158 -15.13 -5.56 -10.12
C HIS A 158 -14.56 -4.37 -10.92
N ASN A 159 -14.57 -3.19 -10.27
CA ASN A 159 -14.11 -1.93 -10.86
C ASN A 159 -12.73 -1.49 -10.33
N LEU A 160 -12.24 -0.28 -10.74
CA LEU A 160 -10.93 0.25 -10.35
C LEU A 160 -10.76 0.37 -8.84
N ASP A 161 -11.78 0.89 -8.13
CA ASP A 161 -11.79 1.05 -6.68
C ASP A 161 -11.72 -0.31 -6.00
N ASP A 162 -12.41 -1.33 -6.57
CA ASP A 162 -12.40 -2.69 -6.04
C ASP A 162 -11.01 -3.31 -6.12
N GLU A 163 -10.31 -3.13 -7.27
CA GLU A 163 -8.96 -3.65 -7.48
C GLU A 163 -7.91 -2.95 -6.62
N ALA A 164 -7.96 -1.60 -6.55
CA ALA A 164 -7.04 -0.77 -5.76
C ALA A 164 -7.10 -1.14 -4.28
N SER A 165 -8.32 -1.32 -3.71
CA SER A 165 -8.55 -1.70 -2.32
C SER A 165 -8.13 -3.13 -2.07
N PHE A 166 -8.29 -4.00 -3.10
CA PHE A 166 -7.85 -5.39 -3.04
C PHE A 166 -6.33 -5.40 -2.95
N LEU A 167 -5.65 -4.60 -3.82
CA LEU A 167 -4.19 -4.47 -3.88
C LEU A 167 -3.65 -3.92 -2.57
N LEU A 168 -4.22 -2.80 -2.09
CA LEU A 168 -3.81 -2.14 -0.86
C LEU A 168 -3.89 -3.08 0.33
N ASN A 169 -5.00 -3.83 0.47
CA ASN A 169 -5.19 -4.77 1.57
C ASN A 169 -4.17 -5.87 1.53
N ASN A 170 -3.99 -6.49 0.35
CA ASN A 170 -3.06 -7.60 0.14
C ASN A 170 -1.59 -7.22 0.31
N ILE A 171 -1.23 -5.98 -0.04
CA ILE A 171 0.13 -5.46 0.15
C ILE A 171 0.39 -5.27 1.66
N LEU A 172 -0.59 -4.68 2.39
CA LEU A 172 -0.51 -4.47 3.84
C LEU A 172 -0.32 -5.79 4.60
N HIS A 173 -0.97 -6.88 4.15
CA HIS A 173 -0.87 -8.20 4.77
C HIS A 173 0.16 -9.09 4.05
N TRP A 174 0.82 -8.55 3.01
CA TRP A 174 1.85 -9.20 2.20
C TRP A 174 1.42 -10.61 1.74
N ASN A 175 0.22 -10.70 1.11
CA ASN A 175 -0.35 -11.92 0.56
C ASN A 175 0.14 -11.99 -0.88
N THR A 176 1.41 -12.39 -1.03
CA THR A 176 2.12 -12.47 -2.31
C THR A 176 1.48 -13.43 -3.32
N GLU A 177 0.90 -14.53 -2.84
CA GLU A 177 0.21 -15.55 -3.64
C GLU A 177 -1.06 -14.98 -4.31
N TYR A 178 -1.77 -14.06 -3.61
CA TYR A 178 -2.99 -13.40 -4.10
C TYR A 178 -2.61 -12.30 -5.11
N LEU A 179 -1.50 -11.57 -4.82
CA LEU A 179 -0.94 -10.51 -5.66
C LEU A 179 -0.36 -11.09 -6.95
N ALA A 180 0.05 -12.37 -6.92
CA ALA A 180 0.58 -13.05 -8.10
C ALA A 180 -0.51 -13.25 -9.14
N LYS A 181 -1.75 -13.62 -8.70
CA LYS A 181 -2.88 -13.86 -9.59
C LYS A 181 -4.03 -12.86 -9.43
N GLY A 182 -3.75 -11.63 -9.86
CA GLY A 182 -4.68 -10.50 -9.92
C GLY A 182 -4.74 -9.97 -11.35
N GLY A 183 -5.39 -8.82 -11.53
CA GLY A 183 -5.52 -8.21 -12.86
C GLY A 183 -6.89 -8.32 -13.52
N PRO A 184 -7.05 -7.80 -14.78
CA PRO A 184 -8.37 -7.81 -15.42
C PRO A 184 -8.81 -9.13 -16.06
N ILE A 185 -7.86 -10.04 -16.29
CA ILE A 185 -8.13 -11.31 -16.95
C ILE A 185 -7.41 -12.47 -16.25
N LEU A 186 -8.16 -13.57 -16.08
CA LEU A 186 -7.72 -14.83 -15.52
C LEU A 186 -8.07 -15.82 -16.65
N PRO A 187 -7.05 -16.31 -17.42
CA PRO A 187 -7.36 -17.17 -18.57
C PRO A 187 -7.93 -18.55 -18.26
N GLN A 188 -8.49 -19.20 -19.30
CA GLN A 188 -9.06 -20.55 -19.27
C GLN A 188 -7.95 -21.55 -18.97
N GLN A 189 -7.98 -22.13 -17.75
CA GLN A 189 -7.01 -23.14 -17.34
C GLN A 189 -7.68 -24.37 -16.74
N GLY A 190 -7.80 -25.42 -17.56
CA GLY A 190 -8.44 -26.66 -17.19
C GLY A 190 -9.95 -26.50 -17.16
N LYS A 191 -10.58 -26.98 -16.08
CA LYS A 191 -12.04 -26.84 -15.90
C LYS A 191 -12.42 -25.45 -15.33
N PHE A 192 -11.43 -24.53 -15.21
CA PHE A 192 -11.64 -23.16 -14.75
C PHE A 192 -11.95 -22.30 -15.97
N ILE A 193 -13.11 -21.64 -15.96
CA ILE A 193 -13.56 -20.76 -17.05
C ILE A 193 -12.90 -19.39 -16.94
N LYS A 194 -12.55 -18.80 -18.10
CA LYS A 194 -11.92 -17.50 -18.27
C LYS A 194 -12.75 -16.42 -17.56
N LYS A 195 -12.13 -15.71 -16.61
CA LYS A 195 -12.81 -14.64 -15.88
C LYS A 195 -12.26 -13.30 -16.32
N VAL A 196 -13.16 -12.38 -16.63
CA VAL A 196 -12.82 -11.04 -17.09
C VAL A 196 -13.45 -9.94 -16.24
N LYS A 197 -12.84 -8.75 -16.27
CA LYS A 197 -13.30 -7.56 -15.55
C LYS A 197 -13.44 -6.40 -16.56
N PRO A 198 -14.64 -6.23 -17.20
CA PRO A 198 -14.79 -5.12 -18.17
C PRO A 198 -14.80 -3.73 -17.53
N LEU A 199 -15.14 -3.64 -16.23
CA LEU A 199 -15.19 -2.37 -15.48
C LEU A 199 -13.88 -2.04 -14.74
N TYR A 200 -12.82 -2.79 -15.04
CA TYR A 200 -11.49 -2.68 -14.45
C TYR A 200 -10.91 -1.26 -14.42
N GLU A 201 -11.13 -0.45 -15.46
CA GLU A 201 -10.58 0.91 -15.57
C GLU A 201 -11.50 2.03 -15.07
N VAL A 202 -12.79 1.75 -14.87
CA VAL A 202 -13.75 2.75 -14.39
C VAL A 202 -13.83 2.72 -12.85
N THR A 203 -14.13 3.89 -12.24
CA THR A 203 -14.27 4.10 -10.79
C THR A 203 -15.72 3.88 -10.36
N GLU A 204 -15.97 3.71 -9.03
CA GLU A 204 -17.32 3.53 -8.47
C GLU A 204 -18.22 4.73 -8.72
N ARG A 205 -17.67 5.96 -8.67
CA ARG A 205 -18.46 7.17 -8.92
C ARG A 205 -19.00 7.21 -10.34
N GLU A 206 -18.22 6.67 -11.32
CA GLU A 206 -18.61 6.56 -12.72
C GLU A 206 -19.66 5.47 -12.88
N VAL A 207 -19.60 4.43 -12.03
CA VAL A 207 -20.56 3.32 -12.03
C VAL A 207 -21.89 3.80 -11.46
N VAL A 208 -21.87 4.44 -10.26
CA VAL A 208 -23.03 5.03 -9.57
C VAL A 208 -23.77 5.96 -10.54
N ALA A 209 -23.02 6.89 -11.17
CA ALA A 209 -23.54 7.86 -12.13
C ALA A 209 -24.13 7.20 -13.36
N TYR A 210 -23.46 6.15 -13.90
CA TYR A 210 -23.94 5.42 -15.06
C TYR A 210 -25.28 4.71 -14.77
N ALA A 211 -25.37 4.02 -13.62
CA ALA A 211 -26.56 3.32 -13.15
C ALA A 211 -27.74 4.29 -13.06
N LEU A 212 -27.53 5.43 -12.34
CA LEU A 212 -28.51 6.50 -12.17
C LEU A 212 -29.05 7.01 -13.51
N ALA A 213 -28.14 7.28 -14.48
CA ALA A 213 -28.47 7.79 -15.82
C ALA A 213 -29.28 6.81 -16.67
N VAL A 214 -28.91 5.51 -16.65
CA VAL A 214 -29.61 4.46 -17.42
C VAL A 214 -30.84 3.91 -16.68
N GLY A 215 -31.11 4.44 -15.48
CA GLY A 215 -32.23 4.05 -14.63
C GLY A 215 -32.13 2.65 -14.09
N LEU A 216 -30.95 2.29 -13.54
CA LEU A 216 -30.70 0.98 -12.95
C LEU A 216 -30.78 1.05 -11.43
N GLU A 217 -31.74 0.31 -10.85
CA GLU A 217 -31.94 0.22 -9.40
C GLU A 217 -31.09 -0.95 -8.89
N TYR A 218 -30.42 -0.78 -7.75
CA TYR A 218 -29.52 -1.78 -7.18
C TYR A 218 -29.52 -1.77 -5.66
N ILE A 219 -28.86 -2.77 -5.03
CA ILE A 219 -28.74 -2.82 -3.58
C ILE A 219 -27.49 -2.07 -3.20
N VAL A 220 -27.66 -0.97 -2.45
CA VAL A 220 -26.55 -0.14 -1.97
C VAL A 220 -26.03 -0.80 -0.70
N GLU A 221 -26.96 -1.30 0.14
CA GLU A 221 -26.69 -1.97 1.43
C GLU A 221 -25.82 -3.21 1.25
N GLU A 222 -24.78 -3.32 2.10
CA GLU A 222 -23.84 -4.44 2.05
C GLU A 222 -24.20 -5.52 3.07
N CYS A 223 -23.85 -6.78 2.75
CA CYS A 223 -24.10 -7.98 3.54
C CYS A 223 -23.81 -7.81 5.04
N PRO A 224 -24.72 -8.27 5.95
CA PRO A 224 -24.49 -8.08 7.40
C PRO A 224 -23.21 -8.68 7.97
N TYR A 225 -22.64 -9.70 7.31
CA TYR A 225 -21.41 -10.35 7.76
C TYR A 225 -20.17 -9.77 7.07
N GLY A 228 -16.54 -5.70 11.22
CA GLY A 228 -16.39 -4.61 10.27
C GLY A 228 -15.57 -4.98 9.04
N ALA A 229 -16.11 -4.69 7.84
CA ALA A 229 -15.44 -5.00 6.56
C ALA A 229 -14.25 -4.08 6.30
N THR A 230 -13.08 -4.71 6.02
CA THR A 230 -11.81 -4.05 5.75
C THR A 230 -11.79 -3.31 4.39
N THR A 231 -12.64 -3.75 3.44
CA THR A 231 -12.76 -3.18 2.09
C THR A 231 -13.09 -1.68 2.13
N LEU A 232 -14.13 -1.29 2.90
CA LEU A 232 -14.59 0.10 3.04
C LEU A 232 -13.54 1.02 3.66
N ASP A 233 -12.61 0.45 4.46
CA ASP A 233 -11.52 1.18 5.08
C ASP A 233 -10.49 1.57 4.01
N MET A 234 -10.05 0.59 3.19
CA MET A 234 -9.08 0.75 2.10
C MET A 234 -9.56 1.74 1.06
N LYS A 235 -10.85 1.63 0.66
CA LYS A 235 -11.49 2.49 -0.33
C LYS A 235 -11.51 3.96 0.10
N GLY A 236 -11.81 4.21 1.36
CA GLY A 236 -11.84 5.55 1.94
C GLY A 236 -10.46 6.17 2.00
N VAL A 237 -9.46 5.34 2.31
CA VAL A 237 -8.05 5.70 2.38
C VAL A 237 -7.54 6.11 0.98
N LEU A 238 -7.90 5.33 -0.06
CA LEU A 238 -7.55 5.59 -1.46
C LEU A 238 -8.29 6.77 -2.05
N ASN A 239 -9.52 7.05 -1.56
CA ASN A 239 -10.32 8.20 -2.00
C ASN A 239 -9.70 9.47 -1.43
N GLU A 240 -9.17 9.41 -0.20
CA GLU A 240 -8.49 10.50 0.49
C GLU A 240 -7.22 10.86 -0.31
N LEU A 241 -6.48 9.83 -0.76
CA LEU A 241 -5.26 9.97 -1.56
C LEU A 241 -5.55 10.54 -2.94
N GLU A 242 -6.67 10.12 -3.57
CA GLU A 242 -7.11 10.58 -4.89
C GLU A 242 -7.45 12.09 -4.92
N GLU A 243 -8.01 12.61 -3.79
CA GLU A 243 -8.37 14.02 -3.61
C GLU A 243 -7.14 14.91 -3.81
N LYS A 244 -6.08 14.64 -3.01
CA LYS A 244 -4.81 15.36 -3.03
C LYS A 244 -4.07 15.13 -4.35
N ARG A 245 -3.78 13.85 -4.67
CA ARG A 245 -3.08 13.45 -5.89
C ARG A 245 -4.01 12.68 -6.85
N PRO A 246 -4.54 13.35 -7.90
CA PRO A 246 -5.43 12.64 -8.84
C PRO A 246 -4.64 11.70 -9.75
N GLY A 247 -5.27 10.57 -10.12
CA GLY A 247 -4.68 9.55 -10.95
C GLY A 247 -4.00 8.43 -10.19
N THR A 248 -3.83 8.62 -8.85
CA THR A 248 -3.21 7.69 -7.89
C THR A 248 -3.70 6.25 -8.11
N LYS A 249 -5.03 6.03 -8.01
CA LYS A 249 -5.64 4.71 -8.18
C LYS A 249 -5.20 4.04 -9.48
N PHE A 250 -5.29 4.77 -10.60
CA PHE A 250 -4.91 4.24 -11.92
C PHE A 250 -3.43 3.90 -12.03
N ASN A 251 -2.55 4.86 -11.71
CA ASN A 251 -1.09 4.73 -11.73
C ASN A 251 -0.61 3.55 -10.85
N PHE A 252 -1.30 3.32 -9.72
CA PHE A 252 -1.03 2.23 -8.77
C PHE A 252 -1.43 0.88 -9.36
N VAL A 253 -2.63 0.81 -9.97
CA VAL A 253 -3.16 -0.42 -10.58
C VAL A 253 -2.35 -0.78 -11.86
N ARG A 254 -2.11 0.20 -12.74
CA ARG A 254 -1.34 -0.01 -13.97
C ARG A 254 0.12 -0.37 -13.69
N GLY A 255 0.66 0.22 -12.62
CA GLY A 255 2.02 -0.03 -12.14
C GLY A 255 2.15 -1.44 -11.61
N TYR A 256 1.09 -1.92 -10.94
CA TYR A 256 1.02 -3.26 -10.39
C TYR A 256 1.09 -4.32 -11.50
N LEU A 257 0.37 -4.10 -12.62
CA LEU A 257 0.33 -4.99 -13.79
C LEU A 257 1.69 -5.21 -14.41
N LYS A 258 2.54 -4.18 -14.38
CA LYS A 258 3.91 -4.20 -14.88
C LYS A 258 4.81 -5.06 -13.96
N LYS A 259 4.63 -4.92 -12.63
CA LYS A 259 5.44 -5.60 -11.61
C LYS A 259 4.81 -6.92 -11.08
N LYS A 260 3.62 -7.31 -11.58
CA LYS A 260 2.87 -8.52 -11.21
C LYS A 260 3.72 -9.81 -11.33
N LYS A 261 4.72 -9.79 -12.26
CA LYS A 261 5.65 -10.89 -12.53
C LYS A 261 6.54 -11.25 -11.34
N LEU A 262 6.79 -10.28 -10.44
CA LEU A 262 7.64 -10.45 -9.26
C LEU A 262 7.07 -11.38 -8.19
N PHE A 263 5.75 -11.59 -8.18
CA PHE A 263 5.10 -12.45 -7.19
C PHE A 263 4.88 -13.89 -7.69
N GLU A 264 5.30 -14.19 -8.95
CA GLU A 264 5.21 -15.50 -9.57
C GLU A 264 5.98 -16.60 -8.79
N PRO A 265 7.21 -16.38 -8.23
CA PRO A 265 7.87 -17.46 -7.46
C PRO A 265 7.18 -17.78 -6.12
N GLU A 266 6.22 -16.94 -5.71
CA GLU A 266 5.44 -17.08 -4.47
C GLU A 266 4.12 -17.86 -4.68
N ILE A 267 4.02 -18.62 -5.79
CA ILE A 267 2.86 -19.45 -6.12
C ILE A 267 3.31 -20.76 -6.80
N LYS A 268 3.27 -21.88 -6.05
CA LYS A 268 3.68 -23.19 -6.55
C LYS A 268 2.50 -24.12 -6.74
N GLU A 271 1.49 -29.68 -8.02
CA GLU A 271 0.72 -30.20 -9.15
C GLU A 271 -0.78 -30.19 -8.85
N ILE A 272 -1.61 -29.81 -9.86
CA ILE A 272 -3.08 -29.73 -9.75
C ILE A 272 -3.77 -31.10 -9.91
N LYS A 273 -4.83 -31.32 -9.11
CA LYS A 273 -5.62 -32.55 -9.10
C LYS A 273 -7.07 -32.30 -9.54
N GLU A 274 -7.89 -33.38 -9.56
CA GLU A 274 -9.31 -33.36 -9.95
C GLU A 274 -10.12 -33.97 -8.80
N CYS A 275 -11.22 -33.31 -8.40
CA CYS A 275 -12.08 -33.75 -7.31
C CYS A 275 -12.64 -35.16 -7.49
N LYS A 276 -12.75 -35.90 -6.38
CA LYS A 276 -13.27 -37.27 -6.33
C LYS A 276 -14.82 -37.29 -6.45
N ILE A 277 -15.48 -36.14 -6.18
CA ILE A 277 -16.94 -36.00 -6.18
C ILE A 277 -17.49 -35.27 -7.42
N CYS A 278 -17.09 -34.01 -7.63
CA CYS A 278 -17.58 -33.18 -8.73
C CYS A 278 -16.65 -33.14 -9.95
N ARG A 279 -15.42 -33.68 -9.83
CA ARG A 279 -14.37 -33.75 -10.85
C ARG A 279 -13.82 -32.34 -11.22
N MET A 280 -14.13 -31.33 -10.39
CA MET A 280 -13.67 -29.95 -10.59
C MET A 280 -12.24 -29.76 -10.09
N PRO A 281 -11.46 -28.75 -10.59
CA PRO A 281 -10.07 -28.59 -10.14
C PRO A 281 -9.88 -28.48 -8.62
N SER A 282 -9.27 -29.54 -8.05
CA SER A 282 -9.00 -29.74 -6.63
C SER A 282 -7.49 -29.69 -6.31
N SER A 283 -7.15 -29.45 -5.02
CA SER A 283 -5.77 -29.43 -4.51
C SER A 283 -5.39 -30.81 -3.98
N GLY A 284 -6.32 -31.45 -3.27
CA GLY A 284 -6.16 -32.79 -2.71
C GLY A 284 -7.07 -33.79 -3.38
N ASP A 285 -7.56 -34.77 -2.62
CA ASP A 285 -8.47 -35.82 -3.11
C ASP A 285 -9.86 -35.26 -3.46
N ILE A 286 -10.43 -34.45 -2.55
CA ILE A 286 -11.74 -33.80 -2.66
C ILE A 286 -11.53 -32.28 -2.61
N CYS A 287 -12.25 -31.51 -3.45
CA CYS A 287 -12.12 -30.04 -3.52
C CYS A 287 -12.63 -29.33 -2.26
N ALA A 288 -12.20 -28.07 -2.06
CA ALA A 288 -12.56 -27.19 -0.94
C ALA A 288 -14.07 -27.05 -0.78
N PHE A 289 -14.81 -26.88 -1.89
CA PHE A 289 -16.27 -26.75 -1.90
C PHE A 289 -16.93 -28.06 -1.43
N CYS A 290 -16.57 -29.21 -2.04
CA CYS A 290 -17.12 -30.51 -1.70
C CYS A 290 -16.78 -30.95 -0.27
N LYS A 291 -15.53 -30.66 0.19
CA LYS A 291 -15.10 -30.99 1.55
C LYS A 291 -15.91 -30.24 2.61
N PHE A 292 -16.14 -28.93 2.38
CA PHE A 292 -16.88 -28.04 3.27
C PHE A 292 -18.32 -28.45 3.46
N TRP A 293 -19.11 -28.48 2.36
CA TRP A 293 -20.53 -28.84 2.37
C TRP A 293 -20.80 -30.33 2.59
N GLY A 294 -19.73 -31.15 2.63
CA GLY A 294 -19.79 -32.59 2.84
C GLY A 294 -20.62 -33.29 1.79
N LEU A 295 -20.35 -32.96 0.52
CA LEU A 295 -21.09 -33.47 -0.64
C LEU A 295 -20.57 -34.82 -1.13
N LYS A 296 -21.50 -35.76 -1.32
CA LYS A 296 -21.26 -37.11 -1.83
C LYS A 296 -21.57 -37.21 -3.32
N LYS A 297 -22.48 -36.34 -3.79
CA LYS A 297 -22.93 -36.26 -5.20
C LYS A 297 -22.50 -34.94 -5.85
N GLU A 298 -22.48 -34.92 -7.19
CA GLU A 298 -22.11 -33.75 -8.00
C GLU A 298 -23.35 -32.93 -8.34
N ILE A 299 -23.29 -31.60 -8.11
CA ILE A 299 -24.39 -30.70 -8.45
C ILE A 299 -24.32 -30.41 -9.95
N ASN A 300 -25.36 -30.81 -10.71
CA ASN A 300 -25.40 -30.55 -12.15
C ASN A 300 -26.13 -29.24 -12.41
N PHE A 301 -25.40 -28.25 -12.95
CA PHE A 301 -25.92 -26.92 -13.25
C PHE A 301 -26.41 -26.74 -14.68
N LYS A 302 -26.45 -27.84 -15.47
CA LYS A 302 -26.94 -27.79 -16.85
C LYS A 302 -28.44 -27.52 -16.89
N VAL A 303 -28.83 -26.46 -17.61
CA VAL A 303 -30.22 -26.01 -17.75
C VAL A 303 -30.65 -25.90 -19.21
N SER A 304 -31.87 -26.39 -19.51
CA SER A 304 -32.48 -26.40 -20.83
C SER A 304 -32.92 -24.98 -21.24
N SER A 305 -33.59 -24.25 -20.31
CA SER A 305 -34.09 -22.88 -20.50
C SER A 305 -34.32 -22.20 -19.14
N THR A 306 -34.29 -20.84 -19.13
CA THR A 306 -34.47 -19.97 -17.95
C THR A 306 -35.84 -20.12 -17.25
N ASP A 307 -35.93 -19.59 -16.01
CA ASP A 307 -37.13 -19.57 -15.16
C ASP A 307 -38.25 -18.75 -15.83
N GLU A 308 -37.89 -17.55 -16.32
CA GLU A 308 -38.79 -16.61 -16.99
C GLU A 308 -39.12 -17.07 -18.42
N GLU A 309 -38.18 -17.73 -19.11
CA GLU A 309 -38.35 -18.19 -20.49
C GLU A 309 -38.15 -19.72 -20.66
N PRO A 310 -39.11 -20.58 -20.23
CA PRO A 310 -38.94 -22.03 -20.42
C PRO A 310 -39.21 -22.50 -21.85
N PHE A 311 -39.33 -23.83 -22.06
CA PHE A 311 -39.57 -24.50 -23.36
C PHE A 311 -38.46 -24.26 -24.37
N SER B 3 -5.79 10.47 33.92
CA SER B 3 -6.98 9.71 34.26
C SER B 3 -6.67 8.26 34.69
N MET B 4 -5.37 7.89 34.71
CA MET B 4 -4.90 6.55 35.06
C MET B 4 -3.63 6.57 35.92
N LYS B 5 -3.13 5.38 36.29
CA LYS B 5 -1.90 5.18 37.08
C LYS B 5 -0.96 4.21 36.38
N CYS B 6 0.35 4.26 36.71
CA CYS B 6 1.37 3.38 36.10
C CYS B 6 1.16 1.91 36.46
N LYS B 7 1.43 1.03 35.49
CA LYS B 7 1.30 -0.43 35.63
C LYS B 7 2.32 -1.04 36.61
N PHE B 8 3.44 -0.33 36.90
CA PHE B 8 4.51 -0.83 37.77
C PHE B 8 4.73 -0.02 39.05
N CYS B 9 4.15 1.19 39.16
CA CYS B 9 4.29 2.02 40.36
C CYS B 9 3.04 2.88 40.67
N SER B 10 3.04 3.54 41.85
CA SER B 10 1.96 4.41 42.34
C SER B 10 1.92 5.78 41.65
N ARG B 11 2.88 6.06 40.74
CA ARG B 11 2.97 7.31 39.98
C ARG B 11 1.89 7.36 38.91
N GLU B 12 1.41 8.58 38.60
CA GLU B 12 0.37 8.82 37.60
C GLU B 12 0.85 8.51 36.17
N ALA B 13 -0.05 7.98 35.33
CA ALA B 13 0.23 7.62 33.95
C ALA B 13 0.64 8.83 33.12
N TYR B 14 1.61 8.65 32.24
CA TYR B 14 2.16 9.66 31.35
C TYR B 14 1.71 9.39 29.90
N ILE B 15 1.76 8.12 29.49
CA ILE B 15 1.41 7.66 28.14
C ILE B 15 0.74 6.27 28.16
N LYS B 16 -0.12 6.00 27.17
CA LYS B 16 -0.76 4.70 26.97
C LYS B 16 -0.19 4.13 25.67
N ILE B 17 0.37 2.92 25.75
CA ILE B 17 0.89 2.25 24.56
C ILE B 17 -0.31 1.57 23.90
N HIS B 18 -0.69 2.03 22.69
CA HIS B 18 -1.86 1.53 21.94
C HIS B 18 -1.79 0.03 21.61
N TYR B 19 -0.56 -0.50 21.51
CA TYR B 19 -0.23 -1.91 21.25
C TYR B 19 1.24 -2.19 21.68
N PRO B 20 1.50 -2.95 22.77
CA PRO B 20 0.54 -3.60 23.68
C PRO B 20 -0.05 -2.63 24.71
N LYS B 21 -1.34 -2.82 25.07
CA LYS B 21 -2.03 -1.94 26.02
C LYS B 21 -1.44 -1.99 27.44
N MET B 22 -0.96 -0.80 27.90
CA MET B 22 -0.34 -0.53 29.22
C MET B 22 -0.16 0.96 29.48
N TYR B 23 -0.36 1.38 30.73
CA TYR B 23 -0.21 2.77 31.15
C TYR B 23 1.09 2.91 31.93
N LEU B 24 2.01 3.76 31.43
CA LEU B 24 3.33 4.00 32.02
C LEU B 24 3.55 5.44 32.41
N CYS B 25 4.32 5.67 33.50
CA CYS B 25 4.71 6.99 33.97
C CYS B 25 5.97 7.42 33.20
N GLU B 26 6.44 8.68 33.41
CA GLU B 26 7.63 9.23 32.75
C GLU B 26 8.85 8.32 32.87
N GLU B 27 9.18 7.91 34.11
CA GLU B 27 10.34 7.07 34.44
C GLU B 27 10.27 5.64 33.91
N HIS B 28 9.07 5.06 33.86
CA HIS B 28 8.87 3.72 33.33
C HIS B 28 8.78 3.67 31.83
N PHE B 29 8.30 4.76 31.21
CA PHE B 29 8.21 4.86 29.75
C PHE B 29 9.62 4.95 29.16
N LYS B 30 10.50 5.79 29.76
CA LYS B 30 11.90 5.96 29.35
C LYS B 30 12.59 4.59 29.30
N GLU B 31 12.51 3.83 30.42
CA GLU B 31 13.05 2.48 30.59
C GLU B 31 12.52 1.50 29.53
N TYR B 32 11.20 1.57 29.23
CA TYR B 32 10.54 0.74 28.22
C TYR B 32 11.06 1.07 26.81
N PHE B 33 11.06 2.37 26.46
CA PHE B 33 11.51 2.92 25.18
C PHE B 33 12.96 2.53 24.94
N GLU B 34 13.83 2.69 25.96
CA GLU B 34 15.25 2.35 25.91
C GLU B 34 15.45 0.85 25.66
N ARG B 35 14.68 0.00 26.35
CA ARG B 35 14.72 -1.45 26.23
C ARG B 35 14.21 -1.90 24.85
N LYS B 36 13.21 -1.18 24.29
CA LYS B 36 12.65 -1.45 22.96
C LYS B 36 13.70 -1.20 21.87
N VAL B 37 14.54 -0.15 22.05
CA VAL B 37 15.62 0.25 21.12
C VAL B 37 16.74 -0.80 21.18
N SER B 38 17.15 -1.19 22.40
CA SER B 38 18.19 -2.19 22.66
C SER B 38 17.81 -3.52 22.01
N ARG B 39 16.50 -3.85 22.05
CA ARG B 39 15.96 -5.06 21.46
C ARG B 39 16.03 -4.99 19.94
N THR B 40 15.80 -3.81 19.35
CA THR B 40 15.87 -3.58 17.89
C THR B 40 17.33 -3.77 17.43
N ILE B 41 18.30 -3.27 18.24
CA ILE B 41 19.75 -3.39 18.01
C ILE B 41 20.08 -4.89 17.98
N GLU B 42 19.72 -5.62 19.05
CA GLU B 42 19.94 -7.05 19.25
C GLU B 42 19.30 -7.93 18.15
N ARG B 43 18.02 -7.66 17.82
CA ARG B 43 17.23 -8.40 16.83
C ARG B 43 17.85 -8.39 15.43
N TYR B 44 18.12 -7.19 14.89
CA TYR B 44 18.68 -7.03 13.54
C TYR B 44 20.20 -6.96 13.51
N LYS B 45 20.86 -7.19 14.68
CA LYS B 45 22.33 -7.14 14.84
C LYS B 45 22.92 -5.85 14.26
N LEU B 46 22.30 -4.71 14.62
CA LEU B 46 22.66 -3.37 14.14
C LEU B 46 24.05 -2.91 14.59
N LEU B 47 24.34 -2.93 15.91
CA LEU B 47 25.60 -2.45 16.47
C LEU B 47 26.18 -3.29 17.61
N THR B 48 27.49 -3.10 17.85
CA THR B 48 28.28 -3.68 18.94
C THR B 48 28.79 -2.52 19.80
N LYS B 49 29.22 -2.79 21.04
CA LYS B 49 29.70 -1.72 21.93
C LYS B 49 31.07 -1.18 21.51
N ASP B 50 31.89 -2.02 20.85
CA ASP B 50 33.23 -1.69 20.34
C ASP B 50 33.15 -1.15 18.90
N GLU B 51 32.29 -0.13 18.69
CA GLU B 51 32.06 0.50 17.40
C GLU B 51 31.98 2.02 17.52
N ARG B 52 32.66 2.73 16.61
CA ARG B 52 32.62 4.18 16.52
C ARG B 52 31.38 4.52 15.69
N ILE B 53 30.37 5.15 16.31
CA ILE B 53 29.09 5.47 15.68
C ILE B 53 28.97 6.97 15.38
N LEU B 54 28.45 7.32 14.19
CA LEU B 54 28.19 8.70 13.81
C LEU B 54 26.68 8.87 13.69
N VAL B 55 26.08 9.65 14.61
CA VAL B 55 24.63 9.89 14.60
C VAL B 55 24.39 11.17 13.81
N ALA B 56 23.68 11.04 12.67
CA ALA B 56 23.38 12.16 11.79
C ALA B 56 22.24 13.02 12.40
N VAL B 57 22.60 14.02 13.23
CA VAL B 57 21.63 14.90 13.89
C VAL B 57 21.24 16.09 13.01
N SER B 58 19.93 16.35 12.91
CA SER B 58 19.33 17.40 12.08
C SER B 58 18.69 18.52 12.88
N GLY B 59 18.47 18.29 14.17
CA GLY B 59 17.81 19.26 15.02
C GLY B 59 16.37 18.86 15.31
N GLY B 60 15.85 17.88 14.54
CA GLY B 60 14.53 17.30 14.71
C GLY B 60 14.53 16.28 15.84
N LYS B 61 13.33 15.87 16.28
CA LYS B 61 13.13 14.92 17.38
C LYS B 61 13.78 13.54 17.20
N ASP B 62 13.71 13.02 15.96
CA ASP B 62 14.15 11.69 15.53
C ASP B 62 15.63 11.42 15.78
N SER B 63 16.51 12.22 15.18
CA SER B 63 17.96 12.12 15.33
C SER B 63 18.45 12.45 16.75
N ALA B 64 17.76 13.42 17.41
CA ALA B 64 18.03 13.85 18.79
C ALA B 64 17.87 12.68 19.77
N VAL B 65 16.74 11.98 19.68
CA VAL B 65 16.42 10.83 20.50
C VAL B 65 17.36 9.66 20.18
N THR B 66 17.64 9.40 18.88
CA THR B 66 18.59 8.34 18.47
C THR B 66 19.91 8.50 19.23
N ALA B 67 20.50 9.71 19.21
CA ALA B 67 21.76 10.01 19.88
C ALA B 67 21.63 9.86 21.39
N TYR B 68 20.55 10.38 21.99
CA TYR B 68 20.29 10.32 23.43
C TYR B 68 20.19 8.87 23.94
N VAL B 69 19.40 8.03 23.25
CA VAL B 69 19.19 6.63 23.63
C VAL B 69 20.49 5.82 23.48
N LEU B 70 21.19 5.95 22.33
CA LEU B 70 22.45 5.25 22.07
C LEU B 70 23.51 5.58 23.12
N LYS B 71 23.60 6.86 23.54
CA LYS B 71 24.55 7.32 24.55
C LYS B 71 24.19 6.73 25.92
N LYS B 72 22.89 6.72 26.28
CA LYS B 72 22.34 6.17 27.53
C LYS B 72 22.56 4.66 27.59
N LEU B 73 22.54 3.99 26.43
CA LEU B 73 22.78 2.56 26.30
C LEU B 73 24.28 2.24 26.23
N GLY B 74 25.10 3.26 26.48
CA GLY B 74 26.56 3.18 26.53
C GLY B 74 27.23 2.87 25.21
N TYR B 75 26.94 3.66 24.17
CA TYR B 75 27.57 3.49 22.87
C TYR B 75 28.56 4.64 22.58
N ASN B 76 29.62 4.33 21.82
CA ASN B 76 30.66 5.27 21.43
C ASN B 76 30.15 6.12 20.26
N ILE B 77 29.35 7.13 20.59
CA ILE B 77 28.74 8.01 19.59
C ILE B 77 29.41 9.38 19.51
N GLU B 78 29.31 9.96 18.30
CA GLU B 78 29.73 11.30 17.92
C GLU B 78 28.65 11.74 16.96
N CYS B 79 28.35 13.03 16.92
CA CYS B 79 27.26 13.53 16.09
C CYS B 79 27.70 14.46 14.98
N LEU B 80 26.98 14.42 13.85
CA LEU B 80 27.23 15.28 12.71
C LEU B 80 25.99 16.07 12.34
N HIS B 81 26.15 17.38 12.16
CA HIS B 81 25.10 18.27 11.72
C HIS B 81 25.48 18.83 10.36
N ILE B 82 24.61 18.63 9.37
CA ILE B 82 24.81 19.15 8.02
C ILE B 82 23.87 20.36 7.89
N ASN B 83 24.47 21.56 7.91
CA ASN B 83 23.81 22.85 7.80
C ASN B 83 23.56 23.13 6.31
N LEU B 84 22.31 22.93 5.88
CA LEU B 84 21.82 23.06 4.51
C LEU B 84 21.85 24.48 3.92
N GLY B 85 21.98 25.50 4.78
CA GLY B 85 22.04 26.89 4.37
C GLY B 85 20.74 27.51 3.90
N ILE B 86 19.62 27.10 4.51
CA ILE B 86 18.28 27.65 4.21
C ILE B 86 18.08 28.79 5.21
N SER B 87 18.30 30.05 4.76
CA SER B 87 18.20 31.26 5.58
C SER B 87 16.85 31.37 6.30
N GLY B 88 16.91 31.52 7.62
CA GLY B 88 15.72 31.58 8.47
C GLY B 88 15.26 30.23 9.00
N TYR B 89 15.86 29.14 8.48
CA TYR B 89 15.56 27.76 8.88
C TYR B 89 16.80 27.08 9.47
N SER B 90 17.82 26.82 8.62
CA SER B 90 19.07 26.14 8.95
C SER B 90 19.85 26.76 10.12
N GLU B 91 19.65 28.07 10.39
CA GLU B 91 20.34 28.78 11.49
C GLU B 91 19.89 28.27 12.85
N LYS B 92 18.57 28.22 13.11
CA LYS B 92 18.06 27.71 14.39
C LYS B 92 18.18 26.18 14.47
N SER B 93 18.19 25.50 13.30
CA SER B 93 18.36 24.05 13.16
C SER B 93 19.71 23.61 13.71
N GLU B 94 20.78 24.37 13.38
CA GLU B 94 22.14 24.16 13.87
C GLU B 94 22.18 24.40 15.38
N GLU B 95 21.46 25.45 15.85
CA GLU B 95 21.39 25.84 17.26
C GLU B 95 20.70 24.77 18.12
N TYR B 96 19.61 24.16 17.59
CA TYR B 96 18.89 23.09 18.27
C TYR B 96 19.76 21.86 18.45
N ALA B 97 20.59 21.51 17.42
CA ALA B 97 21.51 20.39 17.47
C ALA B 97 22.63 20.62 18.52
N LYS B 98 23.25 21.83 18.54
CA LYS B 98 24.28 22.24 19.51
C LYS B 98 23.74 22.02 20.91
N LYS B 99 22.48 22.48 21.14
CA LYS B 99 21.72 22.35 22.38
C LYS B 99 21.54 20.87 22.74
N GLN B 100 20.99 20.06 21.79
CA GLN B 100 20.73 18.63 21.92
C GLN B 100 21.99 17.84 22.30
N CYS B 101 23.11 18.05 21.58
CA CYS B 101 24.39 17.38 21.84
C CYS B 101 25.04 17.77 23.16
N LYS B 102 24.81 19.03 23.61
CA LYS B 102 25.32 19.53 24.88
C LYS B 102 24.62 18.80 26.03
N LEU B 103 23.29 18.60 25.90
CA LEU B 103 22.45 17.88 26.86
C LEU B 103 22.86 16.40 26.87
N ILE B 104 22.95 15.78 25.67
CA ILE B 104 23.36 14.38 25.47
C ILE B 104 24.77 14.11 26.03
N GLY B 105 25.66 15.07 25.83
CA GLY B 105 27.07 14.95 26.22
C GLY B 105 27.79 14.14 25.16
N ALA B 106 27.72 14.61 23.90
CA ALA B 106 28.36 13.97 22.76
C ALA B 106 29.06 15.00 21.87
N PRO B 107 30.20 14.62 21.24
CA PRO B 107 30.90 15.58 20.35
C PRO B 107 30.09 15.88 19.09
N LEU B 108 29.95 17.17 18.75
CA LEU B 108 29.21 17.58 17.57
C LEU B 108 30.10 18.20 16.51
N HIS B 109 30.00 17.65 15.30
CA HIS B 109 30.74 18.12 14.13
C HIS B 109 29.74 18.80 13.21
N ILE B 110 30.06 20.03 12.76
CA ILE B 110 29.19 20.80 11.87
C ILE B 110 29.83 20.96 10.49
N VAL B 111 29.02 20.73 9.43
CA VAL B 111 29.37 20.91 8.02
C VAL B 111 28.37 21.90 7.45
N ARG B 112 28.86 23.06 6.96
CA ARG B 112 28.02 24.11 6.38
C ARG B 112 28.13 24.11 4.86
N ILE B 113 27.04 23.70 4.18
CA ILE B 113 26.88 23.60 2.72
C ILE B 113 27.34 24.87 2.00
N LYS B 114 26.80 26.04 2.40
CA LYS B 114 27.10 27.37 1.86
C LYS B 114 28.61 27.69 1.89
N GLU B 115 29.31 27.17 2.92
CA GLU B 115 30.74 27.38 3.12
C GLU B 115 31.63 26.45 2.30
N ILE B 116 31.26 25.16 2.16
CA ILE B 116 32.08 24.19 1.42
C ILE B 116 31.69 24.08 -0.08
N LEU B 117 30.40 24.28 -0.42
CA LEU B 117 29.93 24.19 -1.81
C LEU B 117 29.80 25.55 -2.50
N GLY B 118 29.25 26.54 -1.79
CA GLY B 118 29.07 27.89 -2.31
C GLY B 118 27.69 28.45 -2.05
N TYR B 119 26.65 27.67 -2.41
CA TYR B 119 25.25 28.07 -2.25
C TYR B 119 24.51 27.01 -1.44
N GLY B 120 23.54 27.46 -0.63
CA GLY B 120 22.70 26.58 0.18
C GLY B 120 21.59 25.92 -0.63
N ILE B 121 20.83 25.01 0.01
CA ILE B 121 19.71 24.31 -0.63
C ILE B 121 18.58 25.34 -0.88
N GLY B 122 18.13 25.41 -2.13
CA GLY B 122 17.11 26.34 -2.59
C GLY B 122 17.68 27.63 -3.14
N GLU B 123 18.99 27.62 -3.48
CA GLU B 123 19.73 28.75 -4.04
C GLU B 123 20.31 28.41 -5.41
N VAL B 124 20.30 27.11 -5.76
CA VAL B 124 20.82 26.58 -7.03
C VAL B 124 19.85 26.94 -8.15
N LYS B 125 20.38 27.49 -9.27
CA LYS B 125 19.60 27.84 -10.45
C LYS B 125 19.22 26.55 -11.20
N THR B 126 18.23 25.82 -10.66
CA THR B 126 17.76 24.55 -11.19
C THR B 126 16.25 24.41 -11.08
N ARG B 127 15.65 23.81 -12.14
CA ARG B 127 14.22 23.53 -12.23
C ARG B 127 13.87 22.39 -11.26
N ARG B 128 14.91 21.64 -10.83
CA ARG B 128 14.85 20.53 -9.89
C ARG B 128 14.48 21.06 -8.50
N PRO B 129 13.47 20.45 -7.84
CA PRO B 129 13.07 20.93 -6.50
C PRO B 129 14.17 20.74 -5.45
N PRO B 130 14.28 21.63 -4.43
CA PRO B 130 15.32 21.47 -3.42
C PRO B 130 15.30 20.13 -2.71
N CYS B 131 14.10 19.54 -2.52
CA CYS B 131 13.87 18.24 -1.89
C CYS B 131 14.62 17.09 -2.55
N SER B 132 14.72 17.11 -3.89
CA SER B 132 15.38 16.08 -4.68
C SER B 132 16.90 16.03 -4.47
N TYR B 133 17.60 17.18 -4.61
CA TYR B 133 19.05 17.22 -4.44
C TYR B 133 19.51 17.37 -2.99
N CYS B 134 18.62 17.82 -2.08
CA CYS B 134 18.94 17.95 -0.66
C CYS B 134 19.23 16.59 -0.05
N GLY B 135 18.37 15.61 -0.33
CA GLY B 135 18.51 14.23 0.12
C GLY B 135 19.81 13.58 -0.35
N LEU B 136 20.15 13.78 -1.64
CA LEU B 136 21.38 13.30 -2.28
C LEU B 136 22.62 13.94 -1.61
N THR B 137 22.56 15.25 -1.30
CA THR B 137 23.62 16.04 -0.67
C THR B 137 23.83 15.60 0.78
N LYS B 138 22.73 15.42 1.54
CA LYS B 138 22.80 14.97 2.94
C LYS B 138 23.45 13.60 3.03
N ARG B 139 23.03 12.66 2.16
CA ARG B 139 23.52 11.28 2.09
C ARG B 139 25.01 11.17 1.76
N TYR B 140 25.51 12.05 0.87
CA TYR B 140 26.91 12.05 0.47
C TYR B 140 27.81 12.51 1.60
N ILE B 141 27.50 13.70 2.19
CA ILE B 141 28.27 14.28 3.28
C ILE B 141 28.26 13.34 4.50
N MET B 142 27.10 12.72 4.81
CA MET B 142 26.96 11.73 5.88
C MET B 142 27.96 10.58 5.72
N ASN B 143 28.03 10.00 4.52
CA ASN B 143 28.90 8.87 4.21
C ASN B 143 30.37 9.28 4.11
N LYS B 144 30.67 10.40 3.42
CA LYS B 144 32.04 10.89 3.23
C LYS B 144 32.67 11.31 4.56
N PHE B 145 31.89 11.91 5.47
CA PHE B 145 32.36 12.32 6.78
C PHE B 145 32.70 11.10 7.64
N ALA B 146 31.80 10.09 7.65
CA ALA B 146 31.97 8.84 8.38
C ALA B 146 33.13 8.02 7.81
N TYR B 147 33.31 8.04 6.46
CA TYR B 147 34.42 7.35 5.83
C TYR B 147 35.75 8.01 6.15
N ASP B 148 35.88 9.33 5.87
CA ASP B 148 37.11 10.11 6.11
C ASP B 148 37.57 10.11 7.56
N ASN B 149 36.64 9.98 8.52
CA ASN B 149 36.96 9.96 9.96
C ASN B 149 36.88 8.54 10.56
N GLY B 150 36.83 7.56 9.66
CA GLY B 150 36.83 6.12 9.99
C GLY B 150 35.82 5.62 10.98
N PHE B 151 34.58 6.09 10.86
CA PHE B 151 33.49 5.64 11.72
C PHE B 151 33.03 4.29 11.21
N ASP B 152 32.63 3.42 12.14
CA ASP B 152 32.17 2.08 11.81
C ASP B 152 30.74 2.07 11.27
N ALA B 153 29.88 2.96 11.80
CA ALA B 153 28.47 3.04 11.37
C ALA B 153 27.85 4.43 11.40
N ILE B 154 26.74 4.59 10.65
CA ILE B 154 25.92 5.80 10.60
C ILE B 154 24.54 5.43 11.15
N ALA B 155 24.07 6.14 12.19
CA ALA B 155 22.76 5.88 12.77
C ALA B 155 21.84 7.06 12.52
N THR B 156 20.70 6.78 11.83
CA THR B 156 19.71 7.79 11.47
C THR B 156 18.51 7.77 12.43
N GLY B 157 17.70 8.83 12.38
CA GLY B 157 16.53 9.00 13.22
C GLY B 157 15.26 8.32 12.75
N HIS B 158 15.27 7.73 11.54
CA HIS B 158 14.12 7.07 10.91
C HIS B 158 13.41 6.04 11.80
N ASN B 159 12.13 6.31 12.11
CA ASN B 159 11.28 5.49 12.97
C ASN B 159 10.25 4.64 12.19
N LEU B 160 9.36 3.91 12.90
CA LEU B 160 8.35 3.03 12.28
C LEU B 160 7.42 3.75 11.31
N ASP B 161 6.94 4.94 11.70
CA ASP B 161 6.06 5.80 10.90
C ASP B 161 6.79 6.25 9.64
N ASP B 162 8.09 6.57 9.76
CA ASP B 162 8.92 7.00 8.63
C ASP B 162 9.08 5.88 7.59
N GLU B 163 9.31 4.64 8.05
CA GLU B 163 9.47 3.48 7.18
C GLU B 163 8.16 3.08 6.51
N ALA B 164 7.06 3.03 7.27
CA ALA B 164 5.72 2.67 6.77
C ALA B 164 5.26 3.61 5.66
N SER B 165 5.46 4.94 5.85
CA SER B 165 5.11 5.99 4.88
C SER B 165 6.02 5.91 3.66
N PHE B 166 7.29 5.53 3.88
CA PHE B 166 8.26 5.34 2.80
C PHE B 166 7.79 4.16 1.95
N LEU B 167 7.40 3.04 2.61
CA LEU B 167 6.92 1.82 1.96
C LEU B 167 5.64 2.09 1.19
N LEU B 168 4.65 2.72 1.84
CA LEU B 168 3.36 3.04 1.25
C LEU B 168 3.51 3.89 -0.01
N ASN B 169 4.37 4.94 0.05
CA ASN B 169 4.60 5.82 -1.09
C ASN B 169 5.22 5.07 -2.25
N ASN B 170 6.29 4.30 -1.97
CA ASN B 170 7.03 3.52 -2.95
C ASN B 170 6.23 2.41 -3.60
N ILE B 171 5.31 1.78 -2.85
CA ILE B 171 4.40 0.75 -3.36
C ILE B 171 3.39 1.40 -4.33
N LEU B 172 2.81 2.55 -3.94
CA LEU B 172 1.87 3.30 -4.77
C LEU B 172 2.48 3.72 -6.12
N HIS B 173 3.77 4.10 -6.13
CA HIS B 173 4.51 4.49 -7.34
C HIS B 173 5.30 3.34 -7.93
N TRP B 174 5.21 2.14 -7.31
CA TRP B 174 5.88 0.91 -7.71
C TRP B 174 7.37 1.11 -8.03
N ASN B 175 8.10 1.72 -7.07
CA ASN B 175 9.55 1.98 -7.13
C ASN B 175 10.21 0.75 -6.53
N THR B 176 10.26 -0.32 -7.33
CA THR B 176 10.78 -1.64 -6.94
C THR B 176 12.25 -1.62 -6.53
N GLU B 177 13.06 -0.77 -7.17
CA GLU B 177 14.48 -0.58 -6.90
C GLU B 177 14.74 0.01 -5.49
N TYR B 178 13.84 0.89 -5.02
CA TYR B 178 13.88 1.52 -3.70
C TYR B 178 13.42 0.53 -2.63
N LEU B 179 12.37 -0.26 -2.97
CA LEU B 179 11.79 -1.31 -2.11
C LEU B 179 12.77 -2.47 -1.95
N ALA B 180 13.66 -2.67 -2.92
CA ALA B 180 14.68 -3.72 -2.86
C ALA B 180 15.69 -3.43 -1.76
N LYS B 181 16.09 -2.14 -1.62
CA LYS B 181 17.10 -1.72 -0.64
C LYS B 181 16.51 -0.80 0.48
N GLY B 182 15.67 -1.38 1.32
CA GLY B 182 15.06 -0.78 2.49
C GLY B 182 15.37 -1.61 3.72
N GLY B 183 14.73 -1.30 4.84
CA GLY B 183 14.94 -2.03 6.10
C GLY B 183 15.75 -1.32 7.16
N PRO B 184 16.02 -1.98 8.33
CA PRO B 184 16.74 -1.29 9.41
C PRO B 184 18.24 -1.21 9.26
N ILE B 185 18.83 -2.05 8.39
CA ILE B 185 20.28 -2.10 8.18
C ILE B 185 20.62 -2.16 6.69
N LEU B 186 21.61 -1.37 6.32
CA LEU B 186 22.22 -1.29 5.00
C LEU B 186 23.69 -1.60 5.30
N PRO B 187 24.18 -2.82 4.97
CA PRO B 187 25.56 -3.18 5.35
C PRO B 187 26.67 -2.44 4.64
N GLN B 188 27.89 -2.55 5.18
CA GLN B 188 29.12 -1.95 4.68
C GLN B 188 29.46 -2.58 3.32
N GLN B 189 29.31 -1.80 2.25
CA GLN B 189 29.60 -2.26 0.88
C GLN B 189 30.46 -1.24 0.14
N GLY B 190 31.75 -1.55 0.06
CA GLY B 190 32.74 -0.69 -0.58
C GLY B 190 33.04 0.53 0.27
N LYS B 191 33.04 1.71 -0.35
CA LYS B 191 33.25 2.97 0.37
C LYS B 191 31.95 3.49 1.03
N PHE B 192 30.87 2.68 1.01
CA PHE B 192 29.60 3.00 1.65
C PHE B 192 29.65 2.46 3.07
N ILE B 193 29.46 3.35 4.06
CA ILE B 193 29.47 3.01 5.48
C ILE B 193 28.11 2.43 5.87
N LYS B 194 28.14 1.41 6.76
CA LYS B 194 26.99 0.69 7.31
C LYS B 194 26.00 1.69 7.94
N LYS B 195 24.76 1.70 7.45
CA LYS B 195 23.72 2.58 7.96
C LYS B 195 22.71 1.78 8.74
N VAL B 196 22.40 2.25 9.95
CA VAL B 196 21.47 1.58 10.84
C VAL B 196 20.33 2.51 11.28
N LYS B 197 19.22 1.91 11.70
CA LYS B 197 18.02 2.58 12.17
C LYS B 197 17.66 2.02 13.56
N PRO B 198 18.20 2.58 14.67
CA PRO B 198 17.86 2.05 16.00
C PRO B 198 16.40 2.31 16.42
N LEU B 199 15.76 3.34 15.84
CA LEU B 199 14.36 3.70 16.15
C LEU B 199 13.33 3.05 15.21
N TYR B 200 13.78 2.09 14.41
CA TYR B 200 13.00 1.35 13.42
C TYR B 200 11.68 0.78 13.93
N GLU B 201 11.64 0.27 15.18
CA GLU B 201 10.45 -0.36 15.75
C GLU B 201 9.54 0.57 16.57
N VAL B 202 10.03 1.76 16.95
CA VAL B 202 9.25 2.73 17.72
C VAL B 202 8.50 3.69 16.79
N THR B 203 7.34 4.20 17.25
CA THR B 203 6.46 5.14 16.54
C THR B 203 6.82 6.58 16.91
N GLU B 204 6.34 7.56 16.12
CA GLU B 204 6.58 9.00 16.34
C GLU B 204 6.02 9.47 17.68
N ARG B 205 4.84 8.96 18.10
CA ARG B 205 4.23 9.33 19.37
C ARG B 205 5.12 8.93 20.55
N GLU B 206 5.82 7.79 20.44
CA GLU B 206 6.76 7.29 21.46
C GLU B 206 8.02 8.15 21.45
N VAL B 207 8.39 8.69 20.27
CA VAL B 207 9.55 9.56 20.10
C VAL B 207 9.25 10.94 20.72
N VAL B 208 8.11 11.56 20.35
CA VAL B 208 7.61 12.85 20.87
C VAL B 208 7.58 12.80 22.40
N ALA B 209 6.96 11.74 22.96
CA ALA B 209 6.83 11.51 24.39
C ALA B 209 8.17 11.33 25.06
N TYR B 210 9.10 10.58 24.43
CA TYR B 210 10.43 10.35 24.98
C TYR B 210 11.23 11.65 25.07
N ALA B 211 11.22 12.46 23.99
CA ALA B 211 11.88 13.77 23.90
C ALA B 211 11.39 14.69 25.02
N LEU B 212 10.05 14.82 25.14
CA LEU B 212 9.38 15.62 26.17
C LEU B 212 9.83 15.23 27.59
N ALA B 213 9.85 13.91 27.89
CA ALA B 213 10.24 13.34 29.17
C ALA B 213 11.71 13.60 29.54
N VAL B 214 12.63 13.43 28.57
CA VAL B 214 14.08 13.62 28.79
C VAL B 214 14.49 15.11 28.64
N GLY B 215 13.52 15.97 28.34
CA GLY B 215 13.72 17.40 28.17
C GLY B 215 14.52 17.77 26.95
N LEU B 216 14.18 17.18 25.79
CA LEU B 216 14.85 17.43 24.52
C LEU B 216 14.04 18.39 23.67
N GLU B 217 14.62 19.56 23.36
CA GLU B 217 13.99 20.58 22.50
C GLU B 217 14.42 20.30 21.06
N TYR B 218 13.48 20.39 20.11
CA TYR B 218 13.73 20.10 18.69
C TYR B 218 12.93 20.98 17.76
N ILE B 219 13.21 20.91 16.45
CA ILE B 219 12.47 21.66 15.44
C ILE B 219 11.28 20.81 15.02
N VAL B 220 10.07 21.30 15.30
CA VAL B 220 8.83 20.62 14.93
C VAL B 220 8.53 20.98 13.48
N GLU B 221 8.77 22.26 13.11
CA GLU B 221 8.55 22.82 11.78
C GLU B 221 9.39 22.12 10.71
N GLU B 222 8.75 21.76 9.60
CA GLU B 222 9.41 21.09 8.49
C GLU B 222 9.81 22.04 7.39
N CYS B 223 10.90 21.70 6.68
CA CYS B 223 11.53 22.46 5.59
C CYS B 223 10.52 23.08 4.61
N PRO B 224 10.67 24.39 4.24
CA PRO B 224 9.70 25.02 3.33
C PRO B 224 9.50 24.36 1.97
N TYR B 225 10.50 23.60 1.48
CA TYR B 225 10.44 22.91 0.19
C TYR B 225 9.97 21.46 0.34
N ALA B 229 4.35 18.30 0.73
CA ALA B 229 5.08 17.06 0.99
C ALA B 229 4.14 15.84 1.06
N THR B 230 4.47 14.80 0.27
CA THR B 230 3.73 13.54 0.16
C THR B 230 3.83 12.66 1.43
N THR B 231 4.91 12.84 2.22
CA THR B 231 5.20 12.10 3.45
C THR B 231 4.07 12.25 4.48
N LEU B 232 3.64 13.50 4.76
CA LEU B 232 2.58 13.83 5.72
C LEU B 232 1.21 13.25 5.33
N ASP B 233 1.00 13.02 4.02
CA ASP B 233 -0.23 12.43 3.48
C ASP B 233 -0.27 10.94 3.85
N MET B 234 0.83 10.20 3.55
CA MET B 234 0.99 8.76 3.82
C MET B 234 0.88 8.45 5.31
N LYS B 235 1.53 9.27 6.16
CA LYS B 235 1.54 9.13 7.62
C LYS B 235 0.13 9.25 8.21
N GLY B 236 -0.65 10.22 7.73
CA GLY B 236 -2.02 10.44 8.16
C GLY B 236 -2.94 9.31 7.77
N VAL B 237 -2.71 8.76 6.57
CA VAL B 237 -3.42 7.62 5.99
C VAL B 237 -3.18 6.37 6.84
N LEU B 238 -1.91 6.12 7.23
CA LEU B 238 -1.50 4.99 8.07
C LEU B 238 -1.95 5.13 9.51
N ASN B 239 -2.09 6.37 10.00
CA ASN B 239 -2.57 6.66 11.35
C ASN B 239 -4.06 6.37 11.42
N GLU B 240 -4.79 6.68 10.33
CA GLU B 240 -6.23 6.41 10.17
C GLU B 240 -6.46 4.89 10.22
N LEU B 241 -5.60 4.12 9.52
CA LEU B 241 -5.63 2.66 9.47
C LEU B 241 -5.30 2.04 10.83
N GLU B 242 -4.33 2.62 11.56
CA GLU B 242 -3.89 2.17 12.88
C GLU B 242 -5.00 2.30 13.94
N GLU B 243 -5.85 3.34 13.82
CA GLU B 243 -7.00 3.61 14.72
C GLU B 243 -7.96 2.41 14.71
N LYS B 244 -8.44 2.04 13.51
CA LYS B 244 -9.36 0.92 13.30
C LYS B 244 -8.69 -0.41 13.62
N ARG B 245 -7.56 -0.70 12.94
CA ARG B 245 -6.80 -1.94 13.12
C ARG B 245 -5.44 -1.66 13.76
N PRO B 246 -5.27 -1.89 15.09
CA PRO B 246 -3.96 -1.64 15.72
C PRO B 246 -2.94 -2.73 15.35
N GLY B 247 -1.68 -2.33 15.23
CA GLY B 247 -0.58 -3.21 14.85
C GLY B 247 -0.28 -3.22 13.36
N THR B 248 -1.18 -2.60 12.55
CA THR B 248 -1.10 -2.47 11.08
C THR B 248 0.30 -2.06 10.62
N LYS B 249 0.81 -0.91 11.11
CA LYS B 249 2.13 -0.38 10.77
C LYS B 249 3.22 -1.43 10.95
N PHE B 250 3.25 -2.09 12.13
CA PHE B 250 4.25 -3.10 12.45
C PHE B 250 4.17 -4.34 11.56
N ASN B 251 2.96 -4.95 11.47
CA ASN B 251 2.68 -6.14 10.64
C ASN B 251 3.03 -5.90 9.16
N PHE B 252 2.83 -4.66 8.67
CA PHE B 252 3.14 -4.24 7.30
C PHE B 252 4.66 -4.14 7.09
N VAL B 253 5.37 -3.51 8.04
CA VAL B 253 6.82 -3.34 7.99
C VAL B 253 7.55 -4.68 8.17
N ARG B 254 7.14 -5.49 9.17
CA ARG B 254 7.74 -6.80 9.42
C ARG B 254 7.47 -7.78 8.28
N GLY B 255 6.29 -7.67 7.67
CA GLY B 255 5.87 -8.46 6.53
C GLY B 255 6.70 -8.13 5.30
N TYR B 256 7.03 -6.84 5.15
CA TYR B 256 7.85 -6.34 4.05
C TYR B 256 9.25 -6.93 4.10
N LEU B 257 9.85 -7.03 5.31
CA LEU B 257 11.20 -7.57 5.54
C LEU B 257 11.33 -9.03 5.08
N LYS B 258 10.25 -9.79 5.24
CA LYS B 258 10.14 -11.19 4.84
C LYS B 258 10.11 -11.31 3.30
N LYS B 259 9.35 -10.42 2.63
CA LYS B 259 9.15 -10.39 1.19
C LYS B 259 10.10 -9.47 0.40
N LYS B 260 11.01 -8.75 1.10
CA LYS B 260 12.00 -7.81 0.54
C LYS B 260 12.86 -8.45 -0.57
N LYS B 261 13.06 -9.79 -0.49
CA LYS B 261 13.83 -10.61 -1.45
C LYS B 261 13.24 -10.59 -2.86
N LEU B 262 11.92 -10.36 -2.99
CA LEU B 262 11.21 -10.34 -4.26
C LEU B 262 11.57 -9.18 -5.18
N PHE B 263 12.10 -8.08 -4.63
CA PHE B 263 12.45 -6.90 -5.41
C PHE B 263 13.93 -6.88 -5.83
N GLU B 264 14.71 -7.91 -5.42
CA GLU B 264 16.13 -8.10 -5.75
C GLU B 264 16.39 -8.15 -7.29
N PRO B 265 15.57 -8.84 -8.14
CA PRO B 265 15.86 -8.82 -9.59
C PRO B 265 15.62 -7.46 -10.27
N GLU B 266 14.98 -6.51 -9.53
CA GLU B 266 14.68 -5.15 -9.99
C GLU B 266 15.78 -4.14 -9.63
N ILE B 267 17.00 -4.63 -9.34
CA ILE B 267 18.16 -3.81 -9.00
C ILE B 267 19.46 -4.46 -9.57
N LYS B 268 19.98 -3.85 -10.67
CA LYS B 268 21.19 -4.14 -11.46
C LYS B 268 21.72 -5.60 -11.36
N ILE B 272 29.21 0.14 -8.50
CA ILE B 272 29.78 -0.60 -9.63
C ILE B 272 31.13 0.03 -10.01
N LYS B 273 31.19 1.38 -10.10
CA LYS B 273 32.38 2.13 -10.44
C LYS B 273 32.84 3.04 -9.29
N GLU B 274 33.94 3.78 -9.50
CA GLU B 274 34.54 4.72 -8.55
C GLU B 274 34.66 6.09 -9.22
N CYS B 275 34.23 7.16 -8.53
CA CYS B 275 34.25 8.52 -9.04
C CYS B 275 35.63 8.99 -9.49
N LYS B 276 35.67 9.78 -10.56
CA LYS B 276 36.88 10.35 -11.16
C LYS B 276 37.41 11.54 -10.33
N ILE B 277 36.55 12.14 -9.46
CA ILE B 277 36.87 13.32 -8.64
C ILE B 277 37.12 12.98 -7.15
N CYS B 278 36.11 12.43 -6.46
CA CYS B 278 36.17 12.11 -5.03
C CYS B 278 36.51 10.66 -4.72
N ARG B 279 36.52 9.78 -5.74
CA ARG B 279 36.80 8.34 -5.69
C ARG B 279 35.71 7.57 -4.89
N MET B 280 34.56 8.22 -4.64
CA MET B 280 33.43 7.61 -3.93
C MET B 280 32.59 6.72 -4.86
N PRO B 281 31.81 5.73 -4.32
CA PRO B 281 31.03 4.83 -5.21
C PRO B 281 30.11 5.54 -6.18
N SER B 282 30.49 5.45 -7.48
CA SER B 282 29.80 6.06 -8.62
C SER B 282 29.16 5.01 -9.55
N SER B 283 28.19 5.45 -10.38
CA SER B 283 27.49 4.62 -11.36
C SER B 283 28.20 4.73 -12.71
N GLY B 284 28.60 5.95 -13.07
CA GLY B 284 29.32 6.26 -14.30
C GLY B 284 30.75 6.70 -14.02
N ASP B 285 31.27 7.63 -14.84
CA ASP B 285 32.63 8.18 -14.70
C ASP B 285 32.76 9.06 -13.45
N ILE B 286 31.80 9.98 -13.25
CA ILE B 286 31.72 10.92 -12.13
C ILE B 286 30.42 10.64 -11.36
N CYS B 287 30.47 10.69 -10.01
CA CYS B 287 29.31 10.43 -9.15
C CYS B 287 28.22 11.50 -9.27
N ALA B 288 26.99 11.15 -8.84
CA ALA B 288 25.81 12.01 -8.83
C ALA B 288 26.04 13.34 -8.09
N PHE B 289 26.73 13.29 -6.93
CA PHE B 289 27.05 14.46 -6.12
C PHE B 289 28.03 15.38 -6.87
N CYS B 290 29.16 14.82 -7.34
CA CYS B 290 30.18 15.58 -8.06
C CYS B 290 29.68 16.15 -9.39
N LYS B 291 28.84 15.39 -10.12
CA LYS B 291 28.26 15.84 -11.40
C LYS B 291 27.34 17.03 -11.21
N PHE B 292 26.48 16.98 -10.16
CA PHE B 292 25.52 18.02 -9.81
C PHE B 292 26.18 19.35 -9.46
N TRP B 293 27.01 19.37 -8.39
CA TRP B 293 27.71 20.56 -7.90
C TRP B 293 28.86 21.02 -8.81
N GLY B 294 29.16 20.23 -9.85
CA GLY B 294 30.22 20.51 -10.82
C GLY B 294 31.58 20.65 -10.17
N LEU B 295 31.92 19.68 -9.31
CA LEU B 295 33.16 19.67 -8.52
C LEU B 295 34.33 19.06 -9.26
N LYS B 296 35.47 19.81 -9.25
CA LYS B 296 36.73 19.40 -9.85
C LYS B 296 37.69 18.83 -8.80
N LYS B 297 37.50 19.21 -7.52
CA LYS B 297 38.29 18.76 -6.37
C LYS B 297 37.46 17.92 -5.40
N GLU B 298 38.15 17.12 -4.56
CA GLU B 298 37.53 16.27 -3.54
C GLU B 298 37.44 17.00 -2.21
N ILE B 299 36.25 16.98 -1.59
CA ILE B 299 36.04 17.60 -0.28
C ILE B 299 36.57 16.65 0.80
N ASN B 300 37.60 17.08 1.56
CA ASN B 300 38.16 16.26 2.63
C ASN B 300 37.47 16.60 3.94
N PHE B 301 36.75 15.60 4.50
CA PHE B 301 35.99 15.75 5.74
C PHE B 301 36.75 15.29 6.99
N LYS B 302 38.05 14.95 6.86
CA LYS B 302 38.88 14.52 7.99
C LYS B 302 39.11 15.70 8.93
N VAL B 303 38.78 15.50 10.22
CA VAL B 303 38.91 16.50 11.29
C VAL B 303 39.70 15.94 12.48
N SER B 304 40.61 16.76 13.02
CA SER B 304 41.45 16.38 14.18
C SER B 304 40.62 16.36 15.48
N SER B 305 39.79 17.41 15.69
CA SER B 305 38.92 17.58 16.85
C SER B 305 37.77 18.56 16.54
N THR B 306 36.65 18.44 17.31
CA THR B 306 35.42 19.24 17.18
C THR B 306 35.61 20.76 17.36
N ASP B 307 34.58 21.52 16.93
CA ASP B 307 34.50 23.00 17.01
C ASP B 307 34.54 23.44 18.49
N GLU B 308 33.71 22.79 19.33
CA GLU B 308 33.57 23.05 20.76
C GLU B 308 34.77 22.50 21.56
N GLU B 309 35.35 21.37 21.11
CA GLU B 309 36.47 20.71 21.81
C GLU B 309 37.72 20.53 20.91
N PRO B 310 38.52 21.59 20.62
CA PRO B 310 39.72 21.41 19.81
C PRO B 310 40.89 20.77 20.59
N PHE B 311 42.11 20.79 20.01
CA PHE B 311 43.37 20.24 20.57
C PHE B 311 43.30 18.73 20.79
ZN ZN C . -23.37 16.85 -23.60
ZN ZN D . -15.68 -31.03 -5.51
FE1 SF4 E . -21.65 -10.83 2.27
FE2 SF4 E . -20.70 -13.05 0.95
FE3 SF4 E . -19.02 -11.60 2.57
FE4 SF4 E . -19.88 -10.53 0.18
S1 SF4 E . -18.55 -12.39 0.47
S2 SF4 E . -19.80 -9.47 2.22
S3 SF4 E . -22.02 -11.38 0.08
S4 SF4 E . -20.88 -12.79 3.23
ZN ZN F . 5.66 3.83 36.74
ZN ZN G . 32.19 12.25 -6.70
FE1 SF4 H . 13.40 18.02 1.42
FE2 SF4 H . 15.93 18.47 2.37
FE3 SF4 H . 14.12 17.10 3.91
FE4 SF4 H . 13.80 19.79 3.48
S1 SF4 H . 15.52 18.78 4.61
S2 SF4 H . 12.17 18.18 3.36
S3 SF4 H . 14.56 19.99 1.32
S4 SF4 H . 14.98 16.43 1.88
#